data_1MP8
#
_entry.id   1MP8
#
_cell.length_a   45.189
_cell.length_b   46.636
_cell.length_c   62.225
_cell.angle_alpha   90.00
_cell.angle_beta   80.57
_cell.angle_gamma   90.00
#
_symmetry.space_group_name_H-M   'P 1 21 1'
#
loop_
_entity.id
_entity.type
_entity.pdbx_description
1 polymer 'focal adhesion kinase 1'
2 non-polymer "ADENOSINE-5'-DIPHOSPHATE"
3 water water
#
_entity_poly.entity_id   1
_entity_poly.type   'polypeptide(L)'
_entity_poly.pdbx_seq_one_letter_code
;GAMGSSTRDYEIQRERIELGRCIGEGQFGDVHQGIYMSPENPALAVAIKTCKNCTSDSVREKFLQEALTMRQFDHPHIVK
LIGVITENPVWIIMELCTLGELRSFLQVRKYSLDLASLILYAYQLSTALAYLESKRFVHRDIAARNVLVSSNDCVKLGDF
GLSRYMEDSTYYKASKGKLPIKWMAPESINFRRFTSASDVWMFGVCMWEILMHGVKPFQGVKNNDVIGRIENGERLPMPP
NCPPTLYSLMTKCWAYDPSRRPRFTELKAQLSTILEEEKAQ
;
_entity_poly.pdbx_strand_id   A
#
# COMPACT_ATOMS: atom_id res chain seq x y z
N ASP A 9 25.63 -5.59 3.96
CA ASP A 9 25.76 -5.21 2.53
C ASP A 9 24.70 -5.83 1.59
N TYR A 10 23.95 -4.96 0.93
CA TYR A 10 22.88 -5.43 0.07
C TYR A 10 23.22 -5.60 -1.40
N GLU A 11 24.50 -5.47 -1.78
CA GLU A 11 24.87 -5.63 -3.20
C GLU A 11 24.78 -7.11 -3.58
N ILE A 12 24.04 -7.38 -4.63
CA ILE A 12 23.80 -8.73 -5.07
C ILE A 12 24.55 -8.95 -6.37
N GLN A 13 25.16 -10.12 -6.49
CA GLN A 13 25.86 -10.52 -7.68
C GLN A 13 24.86 -10.80 -8.78
N ARG A 14 25.02 -10.15 -9.92
CA ARG A 14 24.04 -10.28 -10.98
C ARG A 14 23.87 -11.69 -11.45
N GLU A 15 24.96 -12.46 -11.43
CA GLU A 15 24.86 -13.87 -11.83
C GLU A 15 23.97 -14.72 -10.96
N ARG A 16 23.56 -14.19 -9.80
CA ARG A 16 22.65 -14.91 -8.96
C ARG A 16 21.17 -14.60 -9.27
N ILE A 17 20.94 -13.71 -10.23
CA ILE A 17 19.58 -13.32 -10.61
C ILE A 17 19.22 -13.79 -12.02
N GLU A 18 18.10 -14.48 -12.13
CA GLU A 18 17.60 -14.82 -13.44
C GLU A 18 16.41 -13.93 -13.68
N LEU A 19 16.49 -13.09 -14.71
CA LEU A 19 15.42 -12.14 -14.96
C LEU A 19 14.31 -12.85 -15.73
N GLY A 20 13.09 -12.74 -15.21
CA GLY A 20 11.94 -13.38 -15.85
C GLY A 20 11.03 -12.39 -16.54
N ARG A 21 9.73 -12.69 -16.59
CA ARG A 21 8.83 -11.85 -17.34
C ARG A 21 8.50 -10.52 -16.66
N CYS A 22 8.04 -9.57 -17.45
CA CYS A 22 7.60 -8.31 -16.92
C CYS A 22 6.32 -8.51 -16.11
N ILE A 23 6.26 -7.92 -14.93
CA ILE A 23 5.08 -8.02 -14.07
C ILE A 23 4.48 -6.68 -13.74
N GLY A 24 5.03 -5.62 -14.28
CA GLY A 24 4.54 -4.32 -13.93
C GLY A 24 5.44 -3.24 -14.40
N GLU A 25 5.03 -2.00 -14.17
CA GLU A 25 5.74 -0.84 -14.65
C GLU A 25 5.78 0.26 -13.58
N GLY A 26 6.98 0.76 -13.26
CA GLY A 26 7.09 1.75 -12.20
C GLY A 26 7.57 3.08 -12.74
N GLN A 27 7.80 4.00 -11.85
CA GLN A 27 8.30 5.33 -12.18
C GLN A 27 9.54 5.25 -13.09
N PHE A 28 10.44 4.34 -12.74
CA PHE A 28 11.75 4.28 -13.37
C PHE A 28 11.95 3.23 -14.45
N GLY A 29 11.02 2.28 -14.56
CA GLY A 29 11.20 1.23 -15.55
C GLY A 29 10.35 0.03 -15.26
N ASP A 30 10.46 -0.95 -16.14
CA ASP A 30 9.68 -2.17 -15.99
C ASP A 30 10.11 -2.92 -14.76
N VAL A 31 9.18 -3.68 -14.23
CA VAL A 31 9.46 -4.53 -13.09
C VAL A 31 9.30 -5.93 -13.60
N HIS A 32 10.21 -6.83 -13.23
CA HIS A 32 10.15 -8.21 -13.66
C HIS A 32 10.04 -9.16 -12.47
N GLN A 33 9.55 -10.39 -12.67
CA GLN A 33 9.75 -11.38 -11.61
C GLN A 33 11.04 -12.09 -12.00
N GLY A 34 11.59 -12.85 -11.10
CA GLY A 34 12.81 -13.56 -11.39
C GLY A 34 13.17 -14.47 -10.28
N ILE A 35 14.40 -14.98 -10.35
CA ILE A 35 14.82 -15.92 -9.36
C ILE A 35 16.20 -15.53 -8.89
N TYR A 36 16.35 -15.55 -7.57
CA TYR A 36 17.58 -15.21 -6.88
C TYR A 36 18.10 -16.49 -6.27
N MET A 37 19.31 -16.87 -6.66
CA MET A 37 19.91 -18.07 -6.15
C MET A 37 20.96 -17.66 -5.15
N SER A 38 20.76 -17.99 -3.87
CA SER A 38 21.72 -17.62 -2.85
C SER A 38 22.09 -18.84 -2.02
N PRO A 39 22.99 -18.64 -1.06
CA PRO A 39 23.35 -19.70 -0.11
C PRO A 39 22.11 -20.33 0.53
N PRO A 42 17.93 -21.76 -1.85
CA PRO A 42 18.19 -21.18 -3.19
C PRO A 42 16.89 -20.78 -3.89
N ALA A 43 16.94 -20.86 -5.22
CA ALA A 43 15.80 -20.51 -6.06
C ALA A 43 14.74 -19.77 -5.27
N LEU A 44 14.86 -18.45 -5.23
CA LEU A 44 13.94 -17.60 -4.52
C LEU A 44 13.25 -16.63 -5.46
N ALA A 45 11.92 -16.73 -5.52
CA ALA A 45 11.14 -15.82 -6.34
C ALA A 45 11.32 -14.38 -5.85
N VAL A 46 11.64 -13.50 -6.78
CA VAL A 46 11.84 -12.12 -6.40
C VAL A 46 11.27 -11.19 -7.46
N ALA A 47 11.19 -9.91 -7.13
CA ALA A 47 10.75 -8.94 -8.12
C ALA A 47 12.01 -8.14 -8.36
N ILE A 48 12.20 -7.79 -9.63
CA ILE A 48 13.35 -7.02 -10.05
C ILE A 48 12.89 -5.72 -10.68
N LYS A 49 13.20 -4.63 -10.00
CA LYS A 49 12.82 -3.32 -10.48
C LYS A 49 13.96 -2.79 -11.32
N THR A 50 13.63 -2.38 -12.55
CA THR A 50 14.65 -1.84 -13.44
C THR A 50 14.49 -0.36 -13.62
N CYS A 51 15.52 0.26 -14.18
CA CYS A 51 15.60 1.70 -14.30
C CYS A 51 16.11 2.05 -15.67
N LYS A 52 15.23 2.55 -16.53
CA LYS A 52 15.57 2.90 -17.91
C LYS A 52 16.73 3.85 -18.03
N ASN A 53 16.77 4.84 -17.14
CA ASN A 53 17.72 5.93 -17.26
C ASN A 53 18.81 6.01 -16.18
N CYS A 54 19.08 4.90 -15.51
CA CYS A 54 20.07 4.91 -14.42
C CYS A 54 21.51 4.92 -14.91
N THR A 55 21.65 5.07 -16.22
CA THR A 55 22.95 5.32 -16.80
C THR A 55 23.38 6.75 -16.39
N SER A 56 22.42 7.56 -16.00
CA SER A 56 22.67 8.89 -15.47
C SER A 56 22.63 8.78 -13.96
N ASP A 57 23.64 9.35 -13.30
CA ASP A 57 23.71 9.29 -11.85
C ASP A 57 22.58 10.04 -11.19
N SER A 58 22.04 11.08 -11.82
CA SER A 58 20.99 11.84 -11.12
C SER A 58 19.75 10.99 -10.95
N VAL A 59 19.49 10.15 -11.94
CA VAL A 59 18.38 9.20 -11.89
C VAL A 59 18.70 8.03 -10.95
N ARG A 60 19.89 7.46 -11.14
CA ARG A 60 20.38 6.38 -10.29
C ARG A 60 20.22 6.67 -8.81
N GLU A 61 20.61 7.88 -8.42
CA GLU A 61 20.53 8.27 -7.03
C GLU A 61 19.09 8.23 -6.52
N LYS A 62 18.15 8.73 -7.32
CA LYS A 62 16.77 8.73 -6.92
C LYS A 62 16.18 7.33 -6.89
N PHE A 63 16.48 6.57 -7.92
CA PHE A 63 16.01 5.20 -7.97
C PHE A 63 16.45 4.40 -6.74
N LEU A 64 17.74 4.44 -6.48
CA LEU A 64 18.31 3.64 -5.38
C LEU A 64 17.86 4.16 -4.01
N GLN A 65 17.31 5.36 -4.00
CA GLN A 65 16.77 5.91 -2.76
C GLN A 65 15.61 5.03 -2.30
N GLU A 66 14.89 4.44 -3.25
CA GLU A 66 13.81 3.52 -2.84
C GLU A 66 14.36 2.39 -1.98
N ALA A 67 15.50 1.86 -2.38
CA ALA A 67 16.09 0.75 -1.66
C ALA A 67 16.53 1.22 -0.28
N LEU A 68 17.15 2.38 -0.23
CA LEU A 68 17.60 2.92 1.05
C LEU A 68 16.44 3.12 2.03
N THR A 69 15.32 3.60 1.51
CA THR A 69 14.11 3.73 2.34
C THR A 69 13.57 2.41 2.84
N MET A 70 13.46 1.43 1.94
CA MET A 70 12.81 0.17 2.35
C MET A 70 13.66 -0.64 3.30
N ARG A 71 14.97 -0.44 3.21
CA ARG A 71 15.93 -1.11 4.06
C ARG A 71 15.67 -0.86 5.54
N GLN A 72 15.08 0.30 5.85
CA GLN A 72 14.82 0.68 7.22
C GLN A 72 13.73 -0.12 7.90
N PHE A 73 12.91 -0.82 7.11
CA PHE A 73 11.73 -1.47 7.66
C PHE A 73 11.80 -2.97 7.65
N ASP A 74 11.19 -3.61 8.64
CA ASP A 74 11.17 -5.05 8.64
C ASP A 74 9.86 -5.43 9.26
N HIS A 75 8.87 -5.71 8.41
CA HIS A 75 7.56 -6.10 8.91
C HIS A 75 6.93 -7.07 7.94
N PRO A 76 6.18 -8.05 8.43
CA PRO A 76 5.61 -9.07 7.56
C PRO A 76 4.67 -8.49 6.54
N HIS A 77 4.12 -7.27 6.78
CA HIS A 77 3.21 -6.71 5.82
C HIS A 77 3.74 -5.50 5.09
N ILE A 78 5.09 -5.46 4.98
CA ILE A 78 5.72 -4.43 4.17
C ILE A 78 6.69 -5.17 3.28
N VAL A 79 6.61 -4.88 2.00
CA VAL A 79 7.50 -5.54 1.05
C VAL A 79 8.94 -5.35 1.43
N LYS A 80 9.67 -6.44 1.46
CA LYS A 80 11.07 -6.43 1.90
C LYS A 80 12.08 -6.18 0.77
N LEU A 81 13.14 -5.40 1.05
CA LEU A 81 14.26 -5.25 0.12
C LEU A 81 15.17 -6.45 0.24
N ILE A 82 15.59 -6.99 -0.89
CA ILE A 82 16.48 -8.15 -0.84
C ILE A 82 17.86 -7.63 -1.11
N GLY A 83 17.97 -6.71 -2.07
CA GLY A 83 19.27 -6.10 -2.33
C GLY A 83 19.29 -5.30 -3.60
N VAL A 84 20.47 -4.89 -4.04
CA VAL A 84 20.51 -4.03 -5.19
C VAL A 84 21.68 -4.41 -6.05
N ILE A 85 21.63 -3.97 -7.29
CA ILE A 85 22.77 -4.10 -8.18
C ILE A 85 23.03 -2.73 -8.73
N THR A 86 24.17 -2.15 -8.33
CA THR A 86 24.42 -0.73 -8.60
C THR A 86 25.25 -0.33 -9.82
N GLU A 87 25.57 -1.31 -10.65
CA GLU A 87 26.25 -1.06 -11.91
C GLU A 87 25.18 -1.24 -13.00
N ASN A 88 25.30 -0.55 -14.13
CA ASN A 88 24.30 -0.67 -15.21
C ASN A 88 24.21 -2.10 -15.72
N PRO A 89 23.00 -2.60 -15.95
CA PRO A 89 21.75 -1.90 -15.64
C PRO A 89 21.43 -1.98 -14.15
N VAL A 90 21.18 -0.84 -13.53
CA VAL A 90 20.85 -0.81 -12.10
C VAL A 90 19.51 -1.49 -11.81
N TRP A 91 19.52 -2.41 -10.85
CA TRP A 91 18.32 -3.14 -10.43
C TRP A 91 18.09 -3.08 -8.93
N ILE A 92 16.83 -3.07 -8.52
CA ILE A 92 16.54 -3.28 -7.10
C ILE A 92 15.83 -4.63 -6.99
N ILE A 93 16.28 -5.50 -6.07
CA ILE A 93 15.69 -6.82 -5.93
C ILE A 93 14.84 -6.80 -4.68
N MET A 94 13.56 -7.07 -4.86
CA MET A 94 12.59 -7.04 -3.75
C MET A 94 11.93 -8.39 -3.59
N GLU A 95 11.31 -8.62 -2.44
CA GLU A 95 10.56 -9.86 -2.28
C GLU A 95 9.44 -9.85 -3.29
N LEU A 96 9.13 -10.98 -3.89
CA LEU A 96 8.06 -10.93 -4.88
C LEU A 96 6.73 -11.08 -4.19
N CYS A 97 5.80 -10.22 -4.56
CA CYS A 97 4.39 -10.36 -4.10
C CYS A 97 3.72 -10.86 -5.36
N THR A 98 3.65 -12.19 -5.45
CA THR A 98 3.33 -12.83 -6.72
C THR A 98 1.98 -12.49 -7.35
N LEU A 99 0.95 -12.21 -6.56
CA LEU A 99 -0.34 -11.94 -7.15
C LEU A 99 -0.49 -10.49 -7.58
N GLY A 100 0.53 -9.66 -7.33
CA GLY A 100 0.54 -8.34 -7.93
C GLY A 100 -0.24 -7.25 -7.22
N GLU A 101 -0.62 -6.25 -7.98
CA GLU A 101 -1.30 -5.07 -7.48
C GLU A 101 -2.67 -5.39 -6.87
N LEU A 102 -2.93 -4.86 -5.69
CA LEU A 102 -4.20 -5.17 -5.00
C LEU A 102 -5.42 -4.72 -5.78
N ARG A 103 -5.43 -3.51 -6.35
CA ARG A 103 -6.62 -3.08 -7.06
C ARG A 103 -7.05 -4.05 -8.15
N SER A 104 -6.16 -4.43 -9.05
CA SER A 104 -6.57 -5.41 -10.07
C SER A 104 -6.95 -6.72 -9.45
N PHE A 105 -6.25 -7.10 -8.38
CA PHE A 105 -6.60 -8.36 -7.72
C PHE A 105 -8.05 -8.34 -7.24
N LEU A 106 -8.42 -7.26 -6.57
CA LEU A 106 -9.78 -7.12 -6.05
C LEU A 106 -10.79 -7.08 -7.16
N GLN A 107 -10.43 -6.48 -8.28
CA GLN A 107 -11.38 -6.37 -9.37
C GLN A 107 -11.61 -7.75 -9.99
N VAL A 108 -10.55 -8.50 -10.28
CA VAL A 108 -10.74 -9.81 -10.92
C VAL A 108 -11.47 -10.79 -10.01
N ARG A 109 -11.30 -10.59 -8.70
CA ARG A 109 -11.91 -11.47 -7.73
C ARG A 109 -13.07 -10.82 -7.00
N LYS A 110 -13.71 -9.88 -7.68
CA LYS A 110 -14.84 -9.17 -7.10
C LYS A 110 -15.92 -10.11 -6.56
N TYR A 111 -16.15 -11.21 -7.27
CA TYR A 111 -17.26 -12.10 -6.90
C TYR A 111 -16.76 -13.37 -6.22
N SER A 112 -15.47 -13.47 -5.99
CA SER A 112 -14.87 -14.66 -5.42
C SER A 112 -14.22 -14.44 -4.06
N LEU A 113 -13.89 -13.22 -3.72
CA LEU A 113 -13.26 -12.99 -2.42
C LEU A 113 -14.32 -12.74 -1.38
N ASP A 114 -14.29 -13.54 -0.32
CA ASP A 114 -15.27 -13.36 0.72
C ASP A 114 -14.94 -12.17 1.59
N LEU A 115 -15.96 -11.70 2.29
CA LEU A 115 -15.80 -10.55 3.14
C LEU A 115 -14.67 -10.76 4.16
N ALA A 116 -14.52 -11.96 4.69
CA ALA A 116 -13.46 -12.18 5.68
C ALA A 116 -12.11 -11.85 5.07
N SER A 117 -11.93 -12.14 3.80
CA SER A 117 -10.62 -11.89 3.19
C SER A 117 -10.40 -10.41 3.04
N LEU A 118 -11.43 -9.70 2.62
CA LEU A 118 -11.29 -8.24 2.45
C LEU A 118 -10.95 -7.63 3.80
N ILE A 119 -11.64 -8.07 4.85
CA ILE A 119 -11.33 -7.50 6.14
C ILE A 119 -9.93 -7.87 6.59
N LEU A 120 -9.52 -9.10 6.34
CA LEU A 120 -8.15 -9.51 6.63
C LEU A 120 -7.11 -8.58 6.00
N TYR A 121 -7.32 -8.23 4.74
CA TYR A 121 -6.39 -7.33 4.05
C TYR A 121 -6.31 -5.96 4.77
N ALA A 122 -7.46 -5.42 5.18
CA ALA A 122 -7.43 -4.20 5.93
C ALA A 122 -6.70 -4.38 7.24
N TYR A 123 -6.94 -5.49 7.93
CA TYR A 123 -6.30 -5.67 9.21
C TYR A 123 -4.81 -5.78 9.00
N GLN A 124 -4.37 -6.53 7.98
CA GLN A 124 -2.92 -6.72 7.77
C GLN A 124 -2.25 -5.37 7.50
N LEU A 125 -2.89 -4.56 6.68
CA LEU A 125 -2.38 -3.23 6.38
C LEU A 125 -2.29 -2.38 7.64
N SER A 126 -3.30 -2.47 8.52
CA SER A 126 -3.23 -1.71 9.73
C SER A 126 -2.05 -2.14 10.60
N THR A 127 -1.69 -3.41 10.56
CA THR A 127 -0.53 -3.83 11.37
C THR A 127 0.75 -3.17 10.80
N ALA A 128 0.86 -3.13 9.49
CA ALA A 128 2.00 -2.49 8.87
C ALA A 128 2.01 -0.98 9.20
N LEU A 129 0.83 -0.37 9.19
CA LEU A 129 0.76 1.08 9.41
C LEU A 129 0.99 1.39 10.90
N ALA A 130 0.51 0.54 11.78
CA ALA A 130 0.80 0.75 13.23
C ALA A 130 2.30 0.62 13.46
N TYR A 131 2.91 -0.33 12.77
CA TYR A 131 4.38 -0.45 12.82
C TYR A 131 5.03 0.86 12.29
N LEU A 132 4.59 1.37 11.14
CA LEU A 132 5.22 2.58 10.64
C LEU A 132 5.02 3.75 11.60
N GLU A 133 3.81 3.83 12.21
CA GLU A 133 3.55 4.94 13.12
C GLU A 133 4.49 4.83 14.31
N SER A 134 4.68 3.62 14.80
CA SER A 134 5.64 3.39 15.90
C SER A 134 7.08 3.76 15.56
N LYS A 135 7.40 3.72 14.27
CA LYS A 135 8.72 4.08 13.75
C LYS A 135 8.77 5.56 13.44
N ARG A 136 7.68 6.25 13.74
CA ARG A 136 7.56 7.69 13.47
C ARG A 136 7.75 7.98 11.98
N PHE A 137 7.23 7.08 11.12
CA PHE A 137 7.35 7.22 9.69
C PHE A 137 5.98 7.53 9.07
N VAL A 138 5.87 8.64 8.35
CA VAL A 138 4.62 9.04 7.70
C VAL A 138 4.68 8.59 6.27
N HIS A 139 3.72 7.75 5.85
CA HIS A 139 3.73 7.19 4.52
C HIS A 139 3.34 8.17 3.38
N ARG A 140 2.29 8.95 3.62
CA ARG A 140 1.78 9.96 2.67
C ARG A 140 1.11 9.47 1.43
N ASP A 141 1.02 8.16 1.19
CA ASP A 141 0.42 7.75 -0.06
C ASP A 141 -0.28 6.40 0.08
N ILE A 142 -1.10 6.27 1.13
CA ILE A 142 -1.81 5.01 1.36
C ILE A 142 -3.00 4.96 0.44
N ALA A 143 -3.09 3.87 -0.30
CA ALA A 143 -4.08 3.66 -1.35
C ALA A 143 -3.95 2.25 -1.84
N ALA A 144 -5.02 1.73 -2.43
CA ALA A 144 -4.99 0.33 -2.78
C ALA A 144 -3.98 0.13 -3.90
N ARG A 145 -3.75 1.18 -4.69
CA ARG A 145 -2.77 1.02 -5.77
C ARG A 145 -1.34 0.78 -5.24
N ASN A 146 -1.10 1.08 -3.97
CA ASN A 146 0.24 0.96 -3.40
C ASN A 146 0.36 -0.27 -2.50
N VAL A 147 -0.55 -1.22 -2.69
CA VAL A 147 -0.51 -2.43 -1.89
C VAL A 147 -0.33 -3.59 -2.83
N LEU A 148 0.50 -4.54 -2.46
CA LEU A 148 0.74 -5.74 -3.28
C LEU A 148 0.17 -6.97 -2.60
N VAL A 149 -0.10 -7.98 -3.40
CA VAL A 149 -0.73 -9.20 -2.86
C VAL A 149 0.24 -10.35 -2.98
N SER A 150 0.66 -10.86 -1.85
CA SER A 150 1.61 -11.97 -1.81
C SER A 150 0.93 -13.30 -2.01
N SER A 151 -0.25 -13.44 -1.43
CA SER A 151 -1.05 -14.66 -1.60
C SER A 151 -2.47 -14.29 -1.28
N ASN A 152 -3.36 -15.23 -1.48
CA ASN A 152 -4.75 -14.94 -1.18
C ASN A 152 -4.97 -14.56 0.25
N ASP A 153 -4.06 -14.91 1.15
CA ASP A 153 -4.22 -14.50 2.53
C ASP A 153 -3.17 -13.56 3.03
N CYS A 154 -2.52 -12.81 2.13
CA CYS A 154 -1.45 -11.91 2.61
C CYS A 154 -1.20 -10.75 1.66
N VAL A 155 -1.43 -9.54 2.15
CA VAL A 155 -1.09 -8.32 1.37
C VAL A 155 0.04 -7.56 2.08
N LYS A 156 0.77 -6.75 1.32
CA LYS A 156 1.87 -5.99 1.91
C LYS A 156 1.91 -4.61 1.30
N LEU A 157 2.29 -3.64 2.10
CA LEU A 157 2.46 -2.30 1.56
C LEU A 157 3.64 -2.33 0.61
N GLY A 158 3.49 -1.63 -0.50
CA GLY A 158 4.54 -1.58 -1.53
C GLY A 158 5.51 -0.45 -1.28
N ASP A 159 6.41 -0.25 -2.26
CA ASP A 159 7.48 0.77 -2.27
C ASP A 159 8.79 0.30 -1.68
N LEU A 179 -1.04 15.16 -7.16
CA LEU A 179 -1.34 14.80 -5.73
C LEU A 179 -2.53 13.84 -5.72
N PRO A 180 -2.47 12.83 -4.87
CA PRO A 180 -3.60 11.91 -4.77
C PRO A 180 -4.70 12.56 -3.93
N ILE A 181 -5.22 13.69 -4.40
CA ILE A 181 -6.22 14.47 -3.69
C ILE A 181 -7.39 13.67 -3.10
N LYS A 182 -7.95 12.78 -3.91
CA LYS A 182 -9.09 11.99 -3.46
C LYS A 182 -8.84 11.07 -2.27
N TRP A 183 -7.57 10.83 -1.91
CA TRP A 183 -7.24 9.99 -0.77
C TRP A 183 -6.78 10.85 0.37
N MET A 184 -6.60 12.13 0.11
CA MET A 184 -5.92 12.97 1.09
C MET A 184 -6.79 13.58 2.20
N ALA A 185 -6.17 13.76 3.37
CA ALA A 185 -6.88 14.38 4.48
C ALA A 185 -7.01 15.89 4.16
N PRO A 186 -8.02 16.54 4.74
CA PRO A 186 -8.31 17.95 4.49
C PRO A 186 -7.10 18.80 4.85
N GLU A 187 -6.46 18.49 5.97
CA GLU A 187 -5.28 19.25 6.37
C GLU A 187 -4.07 19.08 5.41
N SER A 188 -4.02 17.94 4.73
CA SER A 188 -3.01 17.70 3.73
C SER A 188 -3.29 18.49 2.45
N ILE A 189 -4.56 18.46 2.02
CA ILE A 189 -4.99 19.17 0.79
C ILE A 189 -4.80 20.68 0.97
N ASN A 190 -5.31 21.17 2.10
CA ASN A 190 -5.30 22.64 2.38
C ASN A 190 -3.98 23.20 2.78
N PHE A 191 -3.23 22.46 3.61
CA PHE A 191 -2.06 23.05 4.27
C PHE A 191 -0.83 22.20 4.19
N ARG A 192 -0.89 21.13 3.41
CA ARG A 192 0.24 20.25 3.21
C ARG A 192 0.76 19.71 4.54
N ARG A 193 -0.16 19.51 5.48
CA ARG A 193 0.21 18.86 6.75
C ARG A 193 0.14 17.36 6.57
N PHE A 194 1.22 16.65 6.90
CA PHE A 194 1.25 15.18 6.77
C PHE A 194 1.75 14.61 8.09
N THR A 195 0.94 13.77 8.69
CA THR A 195 1.25 13.14 9.96
C THR A 195 0.67 11.75 9.91
N SER A 196 0.92 11.00 10.97
CA SER A 196 0.30 9.69 11.10
C SER A 196 -1.24 9.82 11.03
N ALA A 197 -1.75 10.94 11.53
CA ALA A 197 -3.21 11.15 11.47
C ALA A 197 -3.71 11.35 10.05
N SER A 198 -2.91 12.02 9.21
CA SER A 198 -3.36 12.19 7.82
C SER A 198 -3.24 10.84 7.14
N ASP A 199 -2.26 10.02 7.53
CA ASP A 199 -2.16 8.66 7.03
C ASP A 199 -3.41 7.86 7.39
N VAL A 200 -3.93 8.08 8.59
CA VAL A 200 -5.12 7.34 9.03
C VAL A 200 -6.31 7.65 8.13
N TRP A 201 -6.44 8.92 7.77
CA TRP A 201 -7.49 9.31 6.83
C TRP A 201 -7.36 8.55 5.50
N MET A 202 -6.14 8.53 4.96
CA MET A 202 -5.89 7.86 3.68
C MET A 202 -6.16 6.38 3.79
N PHE A 203 -5.79 5.80 4.93
CA PHE A 203 -6.07 4.39 5.18
C PHE A 203 -7.58 4.14 5.21
N GLY A 204 -8.31 5.07 5.79
CA GLY A 204 -9.75 4.94 5.73
C GLY A 204 -10.23 4.82 4.29
N VAL A 205 -9.67 5.64 3.41
CA VAL A 205 -10.08 5.58 1.97
C VAL A 205 -9.60 4.26 1.37
N CYS A 206 -8.37 3.83 1.72
CA CYS A 206 -7.91 2.52 1.28
C CYS A 206 -8.84 1.38 1.72
N MET A 207 -9.33 1.40 2.97
CA MET A 207 -10.25 0.35 3.39
C MET A 207 -11.52 0.39 2.54
N TRP A 208 -12.00 1.59 2.26
CA TRP A 208 -13.20 1.76 1.42
C TRP A 208 -12.96 1.14 0.05
N GLU A 209 -11.78 1.43 -0.51
CA GLU A 209 -11.40 0.82 -1.80
C GLU A 209 -11.44 -0.67 -1.73
N ILE A 210 -10.93 -1.25 -0.64
CA ILE A 210 -10.89 -2.69 -0.56
C ILE A 210 -12.29 -3.26 -0.52
N LEU A 211 -13.14 -2.67 0.30
CA LEU A 211 -14.50 -3.16 0.45
C LEU A 211 -15.36 -2.91 -0.79
N MET A 212 -14.92 -1.98 -1.62
CA MET A 212 -15.55 -1.67 -2.91
C MET A 212 -14.93 -2.47 -4.05
N HIS A 213 -14.07 -3.45 -3.74
CA HIS A 213 -13.45 -4.31 -4.76
C HIS A 213 -12.57 -3.56 -5.75
N GLY A 214 -11.88 -2.55 -5.23
CA GLY A 214 -10.92 -1.86 -6.07
C GLY A 214 -11.51 -0.74 -6.92
N VAL A 215 -12.68 -0.21 -6.59
CA VAL A 215 -13.18 0.97 -7.28
C VAL A 215 -12.49 2.19 -6.66
N LYS A 216 -12.08 3.20 -7.45
CA LYS A 216 -11.45 4.36 -6.78
C LYS A 216 -12.51 5.26 -6.19
N PRO A 217 -12.11 6.03 -5.19
CA PRO A 217 -13.02 6.98 -4.54
C PRO A 217 -13.32 8.16 -5.45
N PHE A 218 -14.51 8.73 -5.30
CA PHE A 218 -14.87 9.99 -5.97
C PHE A 218 -14.76 9.88 -7.48
N GLN A 219 -15.24 8.76 -8.01
CA GLN A 219 -15.25 8.56 -9.46
C GLN A 219 -16.12 9.65 -10.05
N GLY A 220 -15.65 10.27 -11.11
CA GLY A 220 -16.43 11.30 -11.75
C GLY A 220 -16.44 12.65 -11.04
N VAL A 221 -15.57 12.81 -10.03
CA VAL A 221 -15.51 14.05 -9.31
C VAL A 221 -14.19 14.69 -9.63
N LYS A 222 -14.19 15.99 -9.89
CA LYS A 222 -12.93 16.68 -10.12
C LYS A 222 -12.14 16.81 -8.81
N ASN A 223 -10.82 16.65 -8.88
CA ASN A 223 -9.95 16.77 -7.70
C ASN A 223 -10.24 18.04 -6.91
N ASN A 224 -10.38 19.16 -7.62
CA ASN A 224 -10.62 20.42 -6.93
C ASN A 224 -11.93 20.51 -6.19
N ASP A 225 -12.84 19.58 -6.44
CA ASP A 225 -14.13 19.60 -5.76
C ASP A 225 -14.18 18.70 -4.53
N VAL A 226 -13.11 17.95 -4.29
CA VAL A 226 -13.13 17.02 -3.19
C VAL A 226 -13.26 17.69 -1.84
N ILE A 227 -12.39 18.68 -1.62
CA ILE A 227 -12.32 19.32 -0.34
C ILE A 227 -13.66 19.92 -0.02
N GLY A 228 -14.36 20.42 -1.05
CA GLY A 228 -15.67 21.05 -0.83
C GLY A 228 -16.66 20.05 -0.27
N ARG A 229 -16.67 18.88 -0.84
CA ARG A 229 -17.62 17.87 -0.33
C ARG A 229 -17.26 17.50 1.11
N ILE A 230 -15.98 17.31 1.38
CA ILE A 230 -15.55 16.91 2.72
C ILE A 230 -15.93 17.98 3.73
N GLU A 231 -15.71 19.25 3.38
CA GLU A 231 -16.03 20.33 4.28
C GLU A 231 -17.52 20.43 4.53
N ASN A 232 -18.30 19.97 3.56
CA ASN A 232 -19.77 19.95 3.67
C ASN A 232 -20.28 18.81 4.58
N GLY A 233 -19.33 17.97 5.01
CA GLY A 233 -19.64 16.82 5.85
C GLY A 233 -19.89 15.55 5.08
N GLU A 234 -19.82 15.63 3.76
CA GLU A 234 -20.07 14.45 2.95
C GLU A 234 -18.92 13.46 3.07
N ARG A 235 -19.24 12.18 2.99
CA ARG A 235 -18.19 11.18 3.05
C ARG A 235 -18.49 10.04 2.09
N LEU A 236 -17.47 9.31 1.69
CA LEU A 236 -17.69 8.10 0.88
C LEU A 236 -18.72 7.22 1.58
N PRO A 237 -19.66 6.69 0.82
CA PRO A 237 -20.79 5.95 1.36
C PRO A 237 -20.39 4.54 1.72
N MET A 238 -21.23 3.94 2.55
CA MET A 238 -21.02 2.56 2.96
C MET A 238 -20.98 1.66 1.75
N PRO A 239 -19.90 0.93 1.55
CA PRO A 239 -19.84 -0.04 0.42
C PRO A 239 -20.88 -1.13 0.61
N PRO A 240 -21.49 -1.55 -0.49
CA PRO A 240 -22.45 -2.66 -0.36
C PRO A 240 -21.77 -3.84 0.30
N ASN A 241 -22.50 -4.45 1.22
CA ASN A 241 -22.10 -5.65 1.90
C ASN A 241 -21.02 -5.46 2.95
N CYS A 242 -20.64 -4.20 3.18
CA CYS A 242 -19.68 -3.86 4.23
C CYS A 242 -20.39 -3.86 5.59
N PRO A 243 -19.82 -4.53 6.60
CA PRO A 243 -20.41 -4.53 7.94
C PRO A 243 -20.48 -3.10 8.43
N PRO A 244 -21.59 -2.72 9.05
CA PRO A 244 -21.70 -1.36 9.55
C PRO A 244 -20.58 -0.96 10.53
N THR A 245 -20.17 -1.90 11.38
CA THR A 245 -19.12 -1.64 12.35
C THR A 245 -17.83 -1.26 11.63
N LEU A 246 -17.59 -1.89 10.49
CA LEU A 246 -16.42 -1.58 9.70
C LEU A 246 -16.55 -0.25 8.98
N TYR A 247 -17.73 0.02 8.42
CA TYR A 247 -17.92 1.34 7.84
C TYR A 247 -17.78 2.41 8.89
N SER A 248 -18.36 2.17 10.08
CA SER A 248 -18.13 3.11 11.21
C SER A 248 -16.69 3.39 11.46
N LEU A 249 -15.84 2.36 11.39
CA LEU A 249 -14.39 2.56 11.58
C LEU A 249 -13.84 3.47 10.49
N MET A 250 -14.28 3.24 9.25
CA MET A 250 -13.84 4.11 8.16
C MET A 250 -14.20 5.55 8.47
N THR A 251 -15.42 5.79 8.94
CA THR A 251 -15.81 7.18 9.16
C THR A 251 -15.05 7.85 10.29
N LYS A 252 -14.62 7.06 11.26
CA LYS A 252 -13.79 7.59 12.32
C LYS A 252 -12.46 8.06 11.77
N CYS A 253 -11.99 7.42 10.70
CA CYS A 253 -10.71 7.80 10.05
C CYS A 253 -10.84 9.12 9.34
N TRP A 254 -12.12 9.44 9.06
CA TRP A 254 -12.45 10.65 8.34
C TRP A 254 -13.03 11.73 9.25
N ALA A 255 -12.67 11.70 10.53
CA ALA A 255 -12.96 12.86 11.36
C ALA A 255 -12.21 14.09 10.76
N TYR A 256 -12.89 15.23 10.65
CA TYR A 256 -12.24 16.42 10.09
C TYR A 256 -11.04 16.83 10.93
N ASP A 257 -11.21 16.81 12.24
CA ASP A 257 -10.13 17.16 13.15
C ASP A 257 -9.23 15.94 13.30
N PRO A 258 -7.98 16.05 12.87
CA PRO A 258 -7.02 14.94 12.89
C PRO A 258 -6.84 14.38 14.30
N SER A 259 -6.94 15.23 15.32
CA SER A 259 -6.79 14.76 16.67
C SER A 259 -7.92 13.82 17.10
N ARG A 260 -9.04 13.80 16.36
CA ARG A 260 -10.17 12.95 16.72
C ARG A 260 -10.14 11.58 16.01
N ARG A 261 -9.19 11.40 15.11
CA ARG A 261 -9.11 10.11 14.41
C ARG A 261 -8.40 9.07 15.30
N PRO A 262 -8.72 7.81 15.13
CA PRO A 262 -8.04 6.76 15.90
C PRO A 262 -6.58 6.72 15.46
N ARG A 263 -5.71 6.24 16.35
CA ARG A 263 -4.33 5.97 15.99
C ARG A 263 -4.32 4.59 15.28
N PHE A 264 -3.26 4.31 14.55
CA PHE A 264 -3.26 3.03 13.86
C PHE A 264 -3.37 1.85 14.79
N THR A 265 -2.78 1.95 15.98
CA THR A 265 -2.84 0.79 16.87
C THR A 265 -4.28 0.49 17.31
N GLU A 266 -5.10 1.53 17.41
CA GLU A 266 -6.51 1.35 17.68
C GLU A 266 -7.24 0.76 16.49
N LEU A 267 -6.93 1.22 15.28
CA LEU A 267 -7.59 0.63 14.10
C LEU A 267 -7.23 -0.86 14.01
N LYS A 268 -5.96 -1.20 14.30
CA LYS A 268 -5.52 -2.60 14.32
C LYS A 268 -6.39 -3.40 15.31
N ALA A 269 -6.52 -2.88 16.52
CA ALA A 269 -7.31 -3.54 17.56
C ALA A 269 -8.76 -3.75 17.12
N GLN A 270 -9.37 -2.70 16.58
CA GLN A 270 -10.76 -2.78 16.14
C GLN A 270 -10.88 -3.67 14.92
N LEU A 271 -9.93 -3.62 13.99
CA LEU A 271 -10.06 -4.49 12.84
C LEU A 271 -9.90 -5.97 13.24
N SER A 272 -9.07 -6.22 14.22
CA SER A 272 -8.95 -7.60 14.72
C SER A 272 -10.31 -8.16 15.15
N THR A 273 -11.01 -7.39 15.97
CA THR A 273 -12.36 -7.85 16.39
C THR A 273 -13.33 -7.97 15.22
N ILE A 274 -13.30 -7.04 14.27
CA ILE A 274 -14.21 -7.17 13.11
C ILE A 274 -13.88 -8.41 12.29
N LEU A 275 -12.60 -8.67 12.12
CA LEU A 275 -12.18 -9.83 11.39
C LEU A 275 -12.61 -11.08 12.12
N GLU A 276 -12.37 -11.12 13.41
CA GLU A 276 -12.73 -12.33 14.15
C GLU A 276 -14.23 -12.59 14.09
N GLU A 277 -15.01 -11.53 14.25
CA GLU A 277 -16.46 -11.64 14.17
C GLU A 277 -16.87 -12.17 12.80
N GLU A 278 -16.26 -11.66 11.74
CA GLU A 278 -16.63 -12.12 10.40
C GLU A 278 -16.21 -13.56 10.13
N LYS A 279 -15.03 -13.95 10.61
CA LYS A 279 -14.57 -15.30 10.48
C LYS A 279 -15.55 -16.24 11.18
N ALA A 280 -16.25 -15.72 12.18
CA ALA A 280 -17.17 -16.55 12.98
C ALA A 280 -18.48 -16.71 12.25
N GLN A 281 -18.68 -15.80 11.30
CA GLN A 281 -19.77 -15.83 10.34
C GLN A 281 -21.02 -15.11 10.86
#